data_7Z76
#
_entry.id   7Z76
#
_cell.length_a   47.469
_cell.length_b   101.395
_cell.length_c   69.131
_cell.angle_alpha   90.000
_cell.angle_beta   105.560
_cell.angle_gamma   90.000
#
_symmetry.space_group_name_H-M   'P 1 21 1'
#
loop_
_entity.id
_entity.type
_entity.pdbx_description
1 polymer Elongin-B
2 polymer Elongin-C
3 polymer 'von Hippel-Lindau disease tumor suppressor'
4 polymer 'Probable global transcription activator SNF2L2'
5 non-polymer 'IODIDE ION'
6 non-polymer (2~{S},4~{R})-~{N}-[(1~{R})-2-[(2~{R})-1-[4-(4-bromanyl-7-cyclopentyl-5-oxidanylidene-benzimidazolo[1,2-a]quinazolin-9-yl)piperidin-1-yl]propan-2-yl]oxy-1-[4-(4-methyl-1,3-thiazol-5-yl)phenyl]ethyl]-1-[(2~{S})-2-[[1-(dimethylamino)cyclopropyl]carbonylamino]-3,3-dimethyl-butanoyl]-4-oxidanyl-pyrrolidine-2-carboxamide
7 water water
#
loop_
_entity_poly.entity_id
_entity_poly.type
_entity_poly.pdbx_seq_one_letter_code
_entity_poly.pdbx_strand_id
1 'polypeptide(L)'
;MDVFLMIRRHKTTIFTDAKESSTVFELKRIVEGILKRPPDEQRLYKDDQLLDDGKTLGECGFTSQTARPQAPATVGLAFR
ADDTFEALCIEPFSSPPELPDVMK
;
A
2 'polypeptide(L)'
;MMYVKLISSDGHEFIVKREHALTSGTIKAMLSGPGQFAENETNEVNFREIPSHVLSKVCMYFTYKVRYTNSSTEIPEFPI
APEIALELLMAANFLDC
;
B
3 'polypeptide(L)'
;GSMEAGRPRPVLRSVNSREPSQVIFCNRSPRVVLPVWLNFDGEPQPYPTLPPGTGRRIHSYRGHLWLFRDAGTHDGLLVN
QTELFVPSLNVDGQPIFANITLPVYTLKERCLQVVRSLVKPENYRRLDIVRSLYEDLEDHPNVQKDLERLTQERIAHQRM
GD
;
C
4 'polypeptide(L)'
;SMAEKLSPNPPKLTKQMNAIIDTVINYKDSSGRQLSEVFIQLPSRKELPEYYELIRKPVDFKKIKERIRNHKYRSLGDLE
KDVMLLCHNAQTFNLEGSQIYEDSIVLQSVFKSARQKIAKEEE
;
D
#
# COMPACT_ATOMS: atom_id res chain seq x y z
N MET A 1 26.80 0.99 8.49
CA MET A 1 25.60 1.52 7.87
C MET A 1 25.90 2.34 6.63
N ASP A 2 25.08 2.16 5.58
CA ASP A 2 25.28 2.80 4.28
C ASP A 2 24.87 4.25 4.21
N VAL A 3 25.64 5.03 3.44
CA VAL A 3 25.37 6.44 3.17
C VAL A 3 25.23 6.57 1.66
N PHE A 4 24.30 7.40 1.21
CA PHE A 4 24.05 7.60 -0.21
C PHE A 4 24.38 9.02 -0.55
N LEU A 5 25.20 9.21 -1.59
CA LEU A 5 25.79 10.50 -1.89
C LEU A 5 25.60 10.96 -3.31
N MET A 6 25.79 12.26 -3.50
CA MET A 6 25.92 12.90 -4.80
C MET A 6 27.26 13.61 -4.72
N ILE A 7 28.24 13.19 -5.54
CA ILE A 7 29.56 13.86 -5.57
C ILE A 7 29.43 14.85 -6.73
N ARG A 8 29.57 16.16 -6.43
CA ARG A 8 29.27 17.18 -7.42
C ARG A 8 30.42 18.12 -7.70
N ARG A 9 30.60 18.43 -9.00
CA ARG A 9 31.60 19.37 -9.47
C ARG A 9 31.07 20.00 -10.76
N HIS A 10 31.04 21.35 -10.83
CA HIS A 10 30.59 22.07 -12.05
C HIS A 10 29.19 21.53 -12.42
N LYS A 11 29.05 20.90 -13.61
CA LYS A 11 27.76 20.33 -14.04
C LYS A 11 27.78 18.79 -14.05
N THR A 12 28.63 18.18 -13.20
CA THR A 12 28.75 16.72 -13.05
C THR A 12 28.25 16.34 -11.67
N THR A 13 27.40 15.30 -11.61
CA THR A 13 26.90 14.76 -10.34
C THR A 13 27.01 13.26 -10.46
N ILE A 14 27.78 12.65 -9.56
CA ILE A 14 27.94 11.19 -9.49
C ILE A 14 27.07 10.68 -8.34
N PHE A 15 26.21 9.69 -8.62
CA PHE A 15 25.44 9.04 -7.57
C PHE A 15 26.22 7.82 -7.14
N THR A 16 26.55 7.76 -5.84
CA THR A 16 27.28 6.60 -5.31
C THR A 16 26.88 6.33 -3.87
N ASP A 17 27.21 5.14 -3.37
CA ASP A 17 26.98 4.84 -1.98
C ASP A 17 28.30 4.48 -1.32
N ALA A 18 28.32 4.51 0.01
CA ALA A 18 29.52 4.18 0.79
C ALA A 18 29.06 3.89 2.22
N LYS A 19 29.99 3.67 3.15
CA LYS A 19 29.63 3.38 4.54
C LYS A 19 30.00 4.57 5.39
N GLU A 20 29.38 4.72 6.59
CA GLU A 20 29.79 5.76 7.53
C GLU A 20 31.26 5.51 7.90
N SER A 21 31.66 4.23 7.90
CA SER A 21 33.02 3.78 8.23
C SER A 21 34.02 3.99 7.09
N SER A 22 33.52 4.32 5.86
CA SER A 22 34.38 4.61 4.70
C SER A 22 35.17 5.84 4.99
N THR A 23 36.37 5.95 4.42
CA THR A 23 37.15 7.17 4.59
C THR A 23 36.95 8.11 3.40
N VAL A 24 37.30 9.37 3.58
CA VAL A 24 37.27 10.39 2.53
C VAL A 24 38.17 9.95 1.35
N PHE A 25 39.36 9.37 1.67
CA PHE A 25 40.24 8.90 0.63
C PHE A 25 39.60 7.78 -0.19
N GLU A 26 38.82 6.88 0.48
CA GLU A 26 38.11 5.82 -0.24
C GLU A 26 37.12 6.39 -1.25
N LEU A 27 36.50 7.54 -0.90
CA LEU A 27 35.59 8.23 -1.81
C LEU A 27 36.36 8.80 -3.02
N LYS A 28 37.60 9.28 -2.79
CA LYS A 28 38.44 9.75 -3.89
C LYS A 28 38.79 8.59 -4.84
N ARG A 29 38.94 7.37 -4.28
CA ARG A 29 39.22 6.18 -5.10
C ARG A 29 37.99 5.82 -5.95
N ILE A 30 36.77 6.07 -5.43
CA ILE A 30 35.54 5.88 -6.20
C ILE A 30 35.52 6.90 -7.36
N VAL A 31 35.83 8.18 -7.07
CA VAL A 31 35.90 9.22 -8.10
C VAL A 31 36.94 8.89 -9.16
N GLU A 32 38.11 8.37 -8.74
CA GLU A 32 39.16 8.02 -9.68
C GLU A 32 38.68 6.96 -10.70
N GLY A 33 37.97 5.94 -10.22
CA GLY A 33 37.46 4.87 -11.09
C GLY A 33 36.47 5.37 -12.14
N ILE A 34 35.71 6.43 -11.80
CA ILE A 34 34.68 6.99 -12.68
C ILE A 34 35.22 8.10 -13.58
N LEU A 35 35.86 9.14 -13.00
CA LEU A 35 36.33 10.32 -13.72
C LEU A 35 37.81 10.28 -14.17
N LYS A 36 38.52 9.17 -13.86
CA LYS A 36 39.91 8.92 -14.25
C LYS A 36 40.90 10.03 -13.84
N ARG A 37 40.74 10.52 -12.59
CA ARG A 37 41.62 11.52 -11.99
C ARG A 37 42.09 10.94 -10.66
N PRO A 38 43.41 10.92 -10.38
CA PRO A 38 43.88 10.31 -9.12
C PRO A 38 43.49 11.12 -7.86
N PRO A 39 43.46 10.46 -6.66
CA PRO A 39 43.11 11.20 -5.43
C PRO A 39 43.92 12.47 -5.15
N ASP A 40 45.23 12.49 -5.52
CA ASP A 40 46.05 13.68 -5.28
C ASP A 40 45.68 14.87 -6.19
N GLU A 41 44.79 14.65 -7.18
CA GLU A 41 44.28 15.70 -8.06
C GLU A 41 42.87 16.10 -7.63
N GLN A 42 42.43 15.61 -6.45
CA GLN A 42 41.08 15.87 -5.97
C GLN A 42 41.06 16.50 -4.57
N ARG A 43 40.06 17.35 -4.35
CA ARG A 43 39.72 17.92 -3.04
C ARG A 43 38.24 17.63 -2.85
N LEU A 44 37.85 17.05 -1.70
CA LEU A 44 36.44 16.78 -1.39
C LEU A 44 35.99 17.72 -0.28
N TYR A 45 34.73 18.14 -0.34
CA TYR A 45 34.16 19.11 0.60
C TYR A 45 32.81 18.72 1.14
N LYS A 46 32.51 19.18 2.36
CA LYS A 46 31.16 19.13 2.92
C LYS A 46 30.85 20.64 3.02
N ASP A 47 29.88 21.12 2.20
CA ASP A 47 29.58 22.55 2.02
C ASP A 47 30.88 23.13 1.45
N ASP A 48 31.51 24.13 2.10
CA ASP A 48 32.77 24.68 1.59
C ASP A 48 33.96 24.32 2.47
N GLN A 49 33.79 23.28 3.31
CA GLN A 49 34.81 22.83 4.23
C GLN A 49 35.52 21.62 3.70
N LEU A 50 36.83 21.75 3.55
CA LEU A 50 37.71 20.71 3.03
C LEU A 50 37.73 19.50 3.96
N LEU A 51 37.49 18.32 3.40
CA LEU A 51 37.47 17.07 4.16
C LEU A 51 38.85 16.46 4.23
N ASP A 52 39.24 16.00 5.43
CA ASP A 52 40.54 15.36 5.62
C ASP A 52 40.48 13.91 5.11
N ASP A 53 41.45 13.52 4.26
CA ASP A 53 41.58 12.18 3.64
C ASP A 53 41.41 11.00 4.58
N GLY A 54 41.99 11.11 5.78
CA GLY A 54 41.97 10.03 6.76
C GLY A 54 40.73 9.90 7.60
N LYS A 55 39.82 10.90 7.54
CA LYS A 55 38.60 10.86 8.33
C LYS A 55 37.55 9.96 7.72
N THR A 56 36.72 9.35 8.57
CA THR A 56 35.60 8.54 8.07
C THR A 56 34.48 9.50 7.66
N LEU A 57 33.54 9.02 6.85
CA LEU A 57 32.41 9.84 6.44
C LEU A 57 31.55 10.23 7.66
N GLY A 58 31.53 9.36 8.69
CA GLY A 58 30.84 9.61 9.95
C GLY A 58 31.48 10.73 10.73
N GLU A 59 32.82 10.78 10.75
CA GLU A 59 33.63 11.82 11.41
C GLU A 59 33.48 13.19 10.73
N CYS A 60 33.11 13.19 9.42
CA CYS A 60 32.90 14.39 8.62
C CYS A 60 31.49 14.96 8.75
N GLY A 61 30.56 14.14 9.24
CA GLY A 61 29.17 14.52 9.43
C GLY A 61 28.15 13.78 8.58
N PHE A 62 28.59 12.78 7.78
CA PHE A 62 27.73 12.00 6.89
C PHE A 62 27.10 10.76 7.54
N THR A 63 25.89 10.94 8.06
CA THR A 63 25.21 9.83 8.71
C THR A 63 24.19 9.19 7.78
N SER A 64 23.88 7.90 8.03
N SER A 64 23.89 7.91 8.01
CA SER A 64 22.89 7.11 7.28
CA SER A 64 22.89 7.16 7.24
C SER A 64 21.50 7.77 7.28
C SER A 64 21.53 7.86 7.23
N GLN A 65 21.14 8.44 8.39
CA GLN A 65 19.87 9.17 8.55
C GLN A 65 19.83 10.45 7.72
N THR A 66 20.99 11.04 7.42
CA THR A 66 21.07 12.27 6.65
C THR A 66 21.59 12.06 5.22
N ALA A 67 21.82 10.80 4.81
CA ALA A 67 22.32 10.48 3.46
C ALA A 67 21.56 9.26 2.97
N ARG A 68 20.28 9.46 2.70
CA ARG A 68 19.37 8.38 2.33
C ARG A 68 19.34 8.15 0.84
N PRO A 69 18.96 6.92 0.37
CA PRO A 69 18.89 6.68 -1.10
C PRO A 69 18.04 7.71 -1.81
N GLN A 70 16.87 8.01 -1.21
CA GLN A 70 15.88 8.93 -1.77
C GLN A 70 16.21 10.40 -1.56
N ALA A 71 17.23 10.71 -0.74
CA ALA A 71 17.60 12.10 -0.44
C ALA A 71 19.09 12.10 -0.08
N PRO A 72 19.96 11.83 -1.08
CA PRO A 72 21.40 11.68 -0.80
C PRO A 72 22.08 12.96 -0.37
N ALA A 73 23.18 12.82 0.38
CA ALA A 73 23.95 13.98 0.86
C ALA A 73 24.95 14.39 -0.22
N THR A 74 25.23 15.70 -0.32
CA THR A 74 26.14 16.22 -1.33
C THR A 74 27.57 16.32 -0.80
N VAL A 75 28.53 15.88 -1.63
CA VAL A 75 29.97 16.00 -1.37
C VAL A 75 30.48 16.86 -2.53
N GLY A 76 31.14 17.98 -2.23
CA GLY A 76 31.69 18.82 -3.29
C GLY A 76 33.04 18.30 -3.75
N LEU A 77 33.37 18.49 -5.04
CA LEU A 77 34.61 18.02 -5.60
C LEU A 77 35.28 19.11 -6.42
N ALA A 78 36.60 19.30 -6.21
CA ALA A 78 37.39 20.23 -6.99
C ALA A 78 38.63 19.50 -7.51
N PHE A 79 39.01 19.76 -8.78
CA PHE A 79 40.16 19.13 -9.41
C PHE A 79 41.35 20.06 -9.47
N ARG A 80 42.55 19.47 -9.59
CA ARG A 80 43.80 20.21 -9.71
C ARG A 80 44.17 20.28 -11.18
N ALA A 81 44.19 21.51 -11.72
CA ALA A 81 44.60 21.81 -13.09
C ALA A 81 46.05 22.24 -12.96
N ASP A 82 46.96 21.33 -13.36
CA ASP A 82 48.42 21.48 -13.31
C ASP A 82 48.95 21.52 -11.86
N ASP A 83 49.27 22.71 -11.32
CA ASP A 83 49.85 22.86 -9.99
C ASP A 83 48.91 23.42 -8.93
N THR A 84 47.77 24.01 -9.34
CA THR A 84 46.82 24.61 -8.39
C THR A 84 45.44 24.00 -8.53
N PHE A 85 44.76 23.87 -7.39
CA PHE A 85 43.39 23.39 -7.40
C PHE A 85 42.46 24.51 -7.84
N GLU A 86 41.44 24.16 -8.60
CA GLU A 86 40.41 25.13 -8.98
C GLU A 86 39.59 25.41 -7.70
N ALA A 87 38.87 26.54 -7.66
CA ALA A 87 37.98 26.81 -6.54
C ALA A 87 36.80 25.85 -6.66
N LEU A 88 36.21 25.44 -5.53
CA LEU A 88 35.02 24.60 -5.59
C LEU A 88 33.90 25.37 -6.28
N CYS A 89 33.27 24.74 -7.27
CA CYS A 89 32.15 25.35 -7.95
C CYS A 89 31.18 24.25 -8.30
N ILE A 90 29.96 24.35 -7.78
CA ILE A 90 28.90 23.38 -8.06
C ILE A 90 27.77 24.19 -8.67
N GLU A 91 27.47 23.93 -9.94
CA GLU A 91 26.40 24.68 -10.59
C GLU A 91 25.05 24.25 -10.03
N PRO A 92 24.18 25.19 -9.64
CA PRO A 92 22.87 24.78 -9.12
C PRO A 92 22.02 24.09 -10.19
N PHE A 93 21.12 23.25 -9.72
CA PHE A 93 20.16 22.64 -10.64
C PHE A 93 19.17 23.72 -11.07
N SER A 94 18.36 23.42 -12.11
CA SER A 94 17.34 24.34 -12.58
C SER A 94 16.28 24.59 -11.49
N SER A 95 15.51 25.67 -11.63
CA SER A 95 14.48 26.01 -10.66
C SER A 95 13.12 25.49 -11.08
N PRO A 96 12.32 24.96 -10.12
CA PRO A 96 10.97 24.53 -10.49
C PRO A 96 10.10 25.75 -10.79
N PRO A 97 9.00 25.62 -11.54
CA PRO A 97 8.13 26.77 -11.75
C PRO A 97 7.36 27.08 -10.46
N GLU A 98 6.66 28.22 -10.45
CA GLU A 98 5.83 28.59 -9.31
C GLU A 98 4.75 27.50 -9.11
N LEU A 99 4.43 27.21 -7.86
CA LEU A 99 3.42 26.22 -7.48
C LEU A 99 2.08 26.61 -8.12
N PRO A 100 1.39 25.74 -8.92
CA PRO A 100 0.12 26.15 -9.54
C PRO A 100 -1.00 26.47 -8.56
N ASP A 101 -1.95 27.33 -8.99
CA ASP A 101 -3.09 27.79 -8.22
C ASP A 101 -3.95 26.66 -7.65
N VAL A 102 -4.13 25.57 -8.43
CA VAL A 102 -4.95 24.42 -8.02
C VAL A 102 -4.30 23.60 -6.87
N MET A 103 -3.05 23.94 -6.46
CA MET A 103 -2.37 23.32 -5.32
C MET A 103 -2.42 24.26 -4.08
N LYS A 104 -2.93 25.48 -4.27
CA LYS A 104 -3.01 26.48 -3.20
C LYS A 104 -4.46 26.77 -2.75
N MET B 2 30.29 -0.24 -13.86
CA MET B 2 29.52 0.03 -15.06
C MET B 2 28.54 1.18 -14.83
N TYR B 3 28.83 2.35 -15.43
CA TYR B 3 28.06 3.57 -15.28
C TYR B 3 27.54 4.10 -16.59
N VAL B 4 26.48 4.91 -16.51
CA VAL B 4 25.92 5.60 -17.66
C VAL B 4 25.82 7.08 -17.30
N LYS B 5 25.78 7.94 -18.31
CA LYS B 5 25.66 9.37 -18.13
C LYS B 5 24.31 9.81 -18.68
N LEU B 6 23.50 10.44 -17.83
CA LEU B 6 22.17 10.94 -18.19
C LEU B 6 22.28 12.45 -18.16
N ILE B 7 22.01 13.10 -19.29
CA ILE B 7 22.19 14.54 -19.43
C ILE B 7 20.89 15.26 -19.53
N SER B 8 20.69 16.24 -18.66
CA SER B 8 19.47 17.01 -18.63
C SER B 8 19.40 18.05 -19.77
N SER B 9 18.22 18.64 -19.95
CA SER B 9 17.99 19.66 -21.00
C SER B 9 18.90 20.86 -20.82
N ASP B 10 19.24 21.20 -19.57
CA ASP B 10 20.11 22.31 -19.21
C ASP B 10 21.59 21.91 -19.08
N GLY B 11 21.94 20.71 -19.50
CA GLY B 11 23.34 20.27 -19.58
C GLY B 11 23.99 19.66 -18.37
N HIS B 12 23.24 19.42 -17.30
CA HIS B 12 23.80 18.74 -16.15
C HIS B 12 23.98 17.26 -16.51
N GLU B 13 25.13 16.70 -16.14
CA GLU B 13 25.49 15.31 -16.40
C GLU B 13 25.41 14.51 -15.10
N PHE B 14 24.57 13.47 -15.13
CA PHE B 14 24.33 12.58 -13.98
C PHE B 14 24.93 11.23 -14.28
N ILE B 15 25.90 10.82 -13.45
CA ILE B 15 26.61 9.56 -13.62
C ILE B 15 26.04 8.58 -12.63
N VAL B 16 25.35 7.55 -13.14
CA VAL B 16 24.64 6.58 -12.30
C VAL B 16 25.00 5.19 -12.77
N LYS B 17 24.88 4.20 -11.87
CA LYS B 17 25.13 2.81 -12.24
C LYS B 17 24.18 2.38 -13.37
N ARG B 18 24.73 1.66 -14.36
CA ARG B 18 23.98 1.17 -15.52
C ARG B 18 22.72 0.43 -15.04
N GLU B 19 22.89 -0.48 -14.07
CA GLU B 19 21.77 -1.28 -13.56
C GLU B 19 20.68 -0.40 -12.94
N HIS B 20 21.06 0.74 -12.35
CA HIS B 20 20.09 1.64 -11.76
C HIS B 20 19.31 2.36 -12.88
N ALA B 21 20.00 2.85 -13.94
CA ALA B 21 19.32 3.54 -15.05
C ALA B 21 18.37 2.61 -15.81
N LEU B 22 18.73 1.31 -15.89
CA LEU B 22 17.92 0.31 -16.59
C LEU B 22 16.55 0.04 -15.91
N THR B 23 16.26 0.75 -14.79
CA THR B 23 14.95 0.74 -14.10
C THR B 23 13.92 1.30 -15.09
N SER B 24 14.35 2.22 -15.96
CA SER B 24 13.50 2.85 -16.95
C SER B 24 13.54 2.07 -18.27
N GLY B 25 12.36 1.63 -18.72
CA GLY B 25 12.24 0.93 -19.99
C GLY B 25 12.65 1.81 -21.16
N THR B 26 12.36 3.11 -21.04
CA THR B 26 12.73 4.10 -22.07
C THR B 26 14.25 4.23 -22.15
N ILE B 27 14.93 4.35 -21.00
CA ILE B 27 16.40 4.45 -21.00
C ILE B 27 16.99 3.17 -21.56
N LYS B 28 16.44 1.99 -21.16
CA LYS B 28 16.89 0.69 -21.67
C LYS B 28 16.82 0.68 -23.20
N ALA B 29 15.74 1.23 -23.77
CA ALA B 29 15.58 1.31 -25.23
C ALA B 29 16.50 2.32 -25.88
N MET B 30 16.73 3.48 -25.23
CA MET B 30 17.64 4.52 -25.72
C MET B 30 19.09 4.00 -25.78
N LEU B 31 19.52 3.27 -24.73
CA LEU B 31 20.86 2.67 -24.64
C LEU B 31 21.10 1.52 -25.64
N SER B 32 20.02 0.82 -26.05
CA SER B 32 20.08 -0.30 -26.99
C SER B 32 19.41 0.05 -28.31
N ASN B 40 23.64 11.04 -29.09
CA ASN B 40 24.04 10.33 -27.87
C ASN B 40 25.30 9.51 -28.08
N GLU B 41 26.31 9.77 -27.23
CA GLU B 41 27.58 9.03 -27.22
C GLU B 41 27.31 7.67 -26.55
N THR B 42 28.22 6.68 -26.70
CA THR B 42 28.05 5.36 -26.08
C THR B 42 27.90 5.52 -24.56
N ASN B 43 26.89 4.82 -23.96
CA ASN B 43 26.59 4.85 -22.53
C ASN B 43 26.10 6.23 -22.04
N GLU B 44 25.65 7.10 -22.98
CA GLU B 44 25.13 8.43 -22.67
C GLU B 44 23.74 8.63 -23.26
N VAL B 45 22.87 9.38 -22.55
CA VAL B 45 21.52 9.68 -23.00
C VAL B 45 21.22 11.15 -22.69
N ASN B 46 20.78 11.92 -23.70
CA ASN B 46 20.38 13.33 -23.55
C ASN B 46 18.86 13.41 -23.48
N PHE B 47 18.33 14.19 -22.53
CA PHE B 47 16.89 14.38 -22.35
C PHE B 47 16.55 15.84 -22.61
N ARG B 48 16.07 16.15 -23.82
CA ARG B 48 15.73 17.51 -24.27
C ARG B 48 14.65 18.20 -23.43
N GLU B 49 13.79 17.42 -22.77
CA GLU B 49 12.67 17.96 -22.03
C GLU B 49 12.69 17.64 -20.54
N ILE B 50 13.81 17.09 -20.03
CA ILE B 50 13.89 16.82 -18.59
C ILE B 50 14.97 17.73 -17.99
N PRO B 51 14.60 18.76 -17.19
CA PRO B 51 15.63 19.65 -16.61
C PRO B 51 16.29 18.98 -15.41
N SER B 52 17.41 19.56 -14.99
CA SER B 52 18.22 18.98 -13.93
C SER B 52 17.54 18.82 -12.58
N HIS B 53 16.66 19.75 -12.17
CA HIS B 53 16.02 19.55 -10.87
C HIS B 53 15.11 18.32 -10.89
N VAL B 54 14.63 17.93 -12.06
CA VAL B 54 13.79 16.75 -12.22
C VAL B 54 14.64 15.48 -12.43
N LEU B 55 15.64 15.55 -13.34
CA LEU B 55 16.46 14.38 -13.62
C LEU B 55 17.25 13.92 -12.40
N SER B 56 17.70 14.87 -11.55
CA SER B 56 18.39 14.49 -10.32
C SER B 56 17.45 13.66 -9.43
N LYS B 57 16.18 14.05 -9.36
CA LYS B 57 15.18 13.36 -8.56
C LYS B 57 14.88 11.96 -9.13
N VAL B 58 14.82 11.85 -10.47
CA VAL B 58 14.64 10.55 -11.10
C VAL B 58 15.83 9.62 -10.70
N CYS B 59 17.08 10.15 -10.69
CA CYS B 59 18.20 9.31 -10.28
C CYS B 59 18.09 8.87 -8.83
N MET B 60 17.57 9.75 -7.95
CA MET B 60 17.34 9.40 -6.53
C MET B 60 16.29 8.26 -6.47
N TYR B 61 15.27 8.33 -7.34
CA TYR B 61 14.30 7.24 -7.39
C TYR B 61 14.98 5.92 -7.77
N PHE B 62 15.84 5.92 -8.82
CA PHE B 62 16.53 4.69 -9.19
C PHE B 62 17.34 4.12 -8.00
N THR B 63 18.05 4.99 -7.24
CA THR B 63 18.84 4.52 -6.09
C THR B 63 17.91 3.88 -5.05
N TYR B 64 16.78 4.56 -4.77
CA TYR B 64 15.78 4.11 -3.82
C TYR B 64 15.17 2.77 -4.26
N LYS B 65 14.76 2.66 -5.54
CA LYS B 65 14.17 1.42 -6.03
C LYS B 65 15.13 0.24 -5.88
N VAL B 66 16.39 0.41 -6.27
CA VAL B 66 17.36 -0.68 -6.21
C VAL B 66 17.65 -1.05 -4.76
N ARG B 67 17.75 -0.06 -3.87
CA ARG B 67 18.02 -0.34 -2.47
C ARG B 67 16.88 -1.10 -1.79
N TYR B 68 15.62 -0.68 -2.04
CA TYR B 68 14.51 -1.26 -1.28
C TYR B 68 13.71 -2.35 -1.97
N THR B 69 13.90 -2.62 -3.28
CA THR B 69 13.16 -3.72 -3.93
C THR B 69 13.64 -5.05 -3.35
N ASN B 70 12.67 -5.92 -2.97
CA ASN B 70 12.90 -7.25 -2.37
C ASN B 70 13.52 -7.19 -0.97
N SER B 71 13.54 -6.00 -0.33
CA SER B 71 14.07 -5.83 1.02
C SER B 71 13.00 -6.24 2.04
N SER B 72 13.41 -6.95 3.10
CA SER B 72 12.52 -7.42 4.17
C SER B 72 12.37 -6.39 5.29
N THR B 73 13.05 -5.25 5.15
CA THR B 73 13.06 -4.14 6.11
C THR B 73 11.89 -3.16 5.90
N GLU B 74 11.73 -2.21 6.83
CA GLU B 74 10.73 -1.15 6.75
C GLU B 74 11.15 -0.18 5.64
N ILE B 75 10.31 -0.09 4.62
CA ILE B 75 10.56 0.77 3.47
C ILE B 75 10.09 2.19 3.81
N PRO B 76 10.93 3.23 3.59
CA PRO B 76 10.47 4.61 3.83
C PRO B 76 9.72 5.14 2.61
N GLU B 77 8.93 6.18 2.82
CA GLU B 77 8.21 6.83 1.72
C GLU B 77 9.20 7.52 0.78
N PHE B 78 8.91 7.50 -0.53
CA PHE B 78 9.73 8.26 -1.49
C PHE B 78 9.13 9.69 -1.48
N PRO B 79 9.89 10.70 -1.04
CA PRO B 79 9.32 12.03 -0.90
C PRO B 79 9.31 12.81 -2.20
N ILE B 80 8.25 13.61 -2.42
CA ILE B 80 8.13 14.44 -3.62
C ILE B 80 7.60 15.78 -3.20
N ALA B 81 8.42 16.84 -3.35
CA ALA B 81 7.96 18.17 -3.01
C ALA B 81 6.84 18.61 -3.95
N PRO B 82 5.86 19.39 -3.47
CA PRO B 82 4.76 19.81 -4.36
C PRO B 82 5.23 20.55 -5.61
N GLU B 83 6.27 21.40 -5.49
CA GLU B 83 6.72 22.19 -6.63
C GLU B 83 7.35 21.38 -7.78
N ILE B 84 7.74 20.12 -7.54
CA ILE B 84 8.30 19.31 -8.62
C ILE B 84 7.35 18.20 -9.04
N ALA B 85 6.21 18.04 -8.33
CA ALA B 85 5.33 16.89 -8.59
C ALA B 85 4.87 16.75 -10.04
N LEU B 86 4.42 17.83 -10.68
CA LEU B 86 3.92 17.72 -12.06
C LEU B 86 5.01 17.37 -13.04
N GLU B 87 6.18 18.03 -12.93
CA GLU B 87 7.27 17.72 -13.86
C GLU B 87 7.80 16.30 -13.64
N LEU B 88 7.86 15.86 -12.36
CA LEU B 88 8.36 14.53 -12.07
C LEU B 88 7.37 13.48 -12.63
N LEU B 89 6.06 13.76 -12.55
CA LEU B 89 5.04 12.87 -13.08
C LEU B 89 5.20 12.76 -14.60
N MET B 90 5.45 13.90 -15.27
CA MET B 90 5.68 13.88 -16.73
C MET B 90 6.91 13.04 -17.06
N ALA B 91 8.02 13.22 -16.29
CA ALA B 91 9.23 12.45 -16.55
C ALA B 91 8.96 10.97 -16.32
N ALA B 92 8.27 10.60 -15.22
CA ALA B 92 7.97 9.21 -14.93
C ALA B 92 7.08 8.58 -16.00
N ASN B 93 6.12 9.35 -16.54
CA ASN B 93 5.25 8.87 -17.60
C ASN B 93 6.08 8.60 -18.88
N PHE B 94 6.97 9.54 -19.22
CA PHE B 94 7.81 9.38 -20.40
C PHE B 94 8.79 8.22 -20.24
N LEU B 95 9.43 8.13 -19.06
CA LEU B 95 10.47 7.14 -18.78
C LEU B 95 9.94 5.75 -18.46
N ASP B 96 8.62 5.63 -18.19
CA ASP B 96 7.95 4.38 -17.83
C ASP B 96 8.65 3.72 -16.63
N CYS B 97 8.79 4.48 -15.55
CA CYS B 97 9.43 3.93 -14.36
C CYS B 97 8.63 4.27 -13.10
N ARG C 9 -17.93 -18.11 -9.43
CA ARG C 9 -17.57 -17.68 -8.09
C ARG C 9 -16.09 -17.27 -8.00
N PRO C 10 -15.75 -16.19 -7.26
CA PRO C 10 -14.33 -15.80 -7.14
C PRO C 10 -13.47 -16.85 -6.45
N VAL C 11 -12.23 -16.99 -6.92
CA VAL C 11 -11.23 -17.91 -6.38
C VAL C 11 -10.63 -17.33 -5.09
N LEU C 12 -10.41 -15.99 -5.04
CA LEU C 12 -9.83 -15.36 -3.85
C LEU C 12 -10.91 -15.12 -2.81
N ARG C 13 -10.95 -15.97 -1.81
CA ARG C 13 -11.97 -15.91 -0.76
C ARG C 13 -11.41 -16.51 0.51
N SER C 14 -12.02 -16.20 1.64
CA SER C 14 -11.67 -16.87 2.88
C SER C 14 -12.28 -18.26 2.88
N VAL C 15 -11.61 -19.20 3.54
CA VAL C 15 -12.10 -20.57 3.78
C VAL C 15 -12.89 -20.49 5.09
N ASN C 16 -14.06 -21.13 5.14
CA ASN C 16 -14.86 -21.13 6.36
C ASN C 16 -14.35 -22.21 7.35
N SER C 17 -13.14 -22.00 7.91
CA SER C 17 -12.52 -22.97 8.81
C SER C 17 -13.20 -23.05 10.16
N ARG C 18 -13.69 -21.89 10.65
CA ARG C 18 -14.27 -21.72 11.99
C ARG C 18 -13.20 -21.99 13.07
N GLU C 19 -11.91 -21.98 12.66
CA GLU C 19 -10.78 -22.26 13.56
C GLU C 19 -10.11 -20.95 13.97
N PRO C 20 -10.28 -20.47 15.24
CA PRO C 20 -9.65 -19.19 15.64
C PRO C 20 -8.14 -19.12 15.44
N SER C 21 -7.68 -17.94 15.04
CA SER C 21 -6.25 -17.67 14.84
C SER C 21 -6.01 -16.23 15.32
N GLN C 22 -5.08 -16.06 16.29
CA GLN C 22 -4.75 -14.72 16.78
C GLN C 22 -3.58 -14.19 15.98
N VAL C 23 -3.74 -12.98 15.44
CA VAL C 23 -2.75 -12.38 14.59
C VAL C 23 -2.36 -11.02 15.14
N ILE C 24 -1.08 -10.66 15.02
CA ILE C 24 -0.70 -9.30 15.34
C ILE C 24 -0.53 -8.58 14.00
N PHE C 25 -1.37 -7.57 13.74
CA PHE C 25 -1.24 -6.70 12.55
C PHE C 25 -0.24 -5.65 12.96
N CYS C 26 0.89 -5.61 12.26
N CYS C 26 0.94 -5.62 12.29
CA CYS C 26 1.95 -4.69 12.60
CA CYS C 26 2.00 -4.65 12.60
C CYS C 26 2.09 -3.65 11.51
C CYS C 26 2.08 -3.64 11.50
N ASN C 27 1.69 -2.39 11.77
CA ASN C 27 1.76 -1.34 10.74
C ASN C 27 3.15 -0.75 10.70
N ARG C 28 3.98 -1.29 9.81
CA ARG C 28 5.36 -0.84 9.61
C ARG C 28 5.43 0.05 8.38
N SER C 29 4.44 0.95 8.28
CA SER C 29 4.32 1.91 7.19
C SER C 29 4.00 3.29 7.80
N PRO C 30 4.19 4.38 7.04
CA PRO C 30 3.83 5.71 7.53
C PRO C 30 2.35 6.04 7.25
N ARG C 31 1.58 5.06 6.72
CA ARG C 31 0.19 5.31 6.36
C ARG C 31 -0.75 4.83 7.45
N VAL C 32 -1.97 5.40 7.48
CA VAL C 32 -3.05 4.86 8.31
C VAL C 32 -3.50 3.65 7.47
N VAL C 33 -3.51 2.45 8.08
CA VAL C 33 -3.82 1.21 7.37
C VAL C 33 -5.24 0.76 7.54
N LEU C 34 -5.84 0.38 6.42
CA LEU C 34 -7.16 -0.24 6.36
C LEU C 34 -6.97 -1.74 6.10
N PRO C 35 -7.24 -2.60 7.10
CA PRO C 35 -7.27 -4.05 6.82
C PRO C 35 -8.56 -4.35 6.08
N VAL C 36 -8.48 -5.21 5.07
CA VAL C 36 -9.62 -5.57 4.25
C VAL C 36 -9.74 -7.08 4.30
N TRP C 37 -10.90 -7.57 4.74
CA TRP C 37 -11.13 -9.01 4.79
C TRP C 37 -11.83 -9.42 3.51
N LEU C 38 -11.40 -10.53 2.87
CA LEU C 38 -12.12 -11.04 1.69
C LEU C 38 -13.05 -12.10 2.22
N ASN C 39 -14.35 -11.90 2.04
CA ASN C 39 -15.32 -12.79 2.66
C ASN C 39 -15.44 -14.16 1.93
N PHE C 40 -16.43 -14.97 2.34
CA PHE C 40 -16.61 -16.31 1.78
C PHE C 40 -17.08 -16.26 0.33
N ASP C 41 -17.59 -15.11 -0.12
CA ASP C 41 -18.02 -14.88 -1.50
C ASP C 41 -16.96 -14.09 -2.28
N GLY C 42 -15.79 -13.89 -1.67
CA GLY C 42 -14.69 -13.17 -2.31
C GLY C 42 -14.88 -11.66 -2.37
N GLU C 43 -15.80 -11.11 -1.58
CA GLU C 43 -16.07 -9.67 -1.57
C GLU C 43 -15.27 -9.00 -0.46
N PRO C 44 -14.68 -7.84 -0.74
CA PRO C 44 -13.88 -7.18 0.28
C PRO C 44 -14.72 -6.42 1.31
N GLN C 45 -14.30 -6.48 2.58
CA GLN C 45 -14.97 -5.77 3.67
C GLN C 45 -13.97 -5.01 4.50
N PRO C 46 -14.29 -3.75 4.84
CA PRO C 46 -13.33 -2.97 5.64
C PRO C 46 -13.39 -3.32 7.11
N TYR C 47 -12.22 -3.24 7.78
CA TYR C 47 -12.10 -3.47 9.22
C TYR C 47 -11.49 -2.21 9.87
N PRO C 48 -11.50 -2.13 11.22
CA PRO C 48 -10.96 -0.93 11.89
C PRO C 48 -9.53 -0.58 11.49
N THR C 49 -9.26 0.72 11.35
CA THR C 49 -7.95 1.14 10.89
C THR C 49 -6.86 1.07 11.96
N LEU C 50 -5.60 1.09 11.48
CA LEU C 50 -4.43 1.04 12.33
C LEU C 50 -3.56 2.27 12.08
N PRO C 51 -3.27 3.10 13.11
CA PRO C 51 -2.37 4.24 12.90
C PRO C 51 -0.94 3.80 12.54
N PRO C 52 -0.16 4.69 11.88
CA PRO C 52 1.23 4.33 11.57
C PRO C 52 2.04 3.99 12.81
N GLY C 53 2.88 2.98 12.69
CA GLY C 53 3.79 2.54 13.74
C GLY C 53 3.14 1.85 14.92
N THR C 54 1.93 1.32 14.72
CA THR C 54 1.20 0.61 15.77
C THR C 54 1.00 -0.84 15.39
N GLY C 55 0.97 -1.70 16.39
CA GLY C 55 0.72 -3.12 16.23
C GLY C 55 -0.48 -3.47 17.10
N ARG C 56 -1.34 -4.35 16.61
CA ARG C 56 -2.53 -4.67 17.38
C ARG C 56 -2.83 -6.15 17.25
N ARG C 57 -3.17 -6.80 18.34
CA ARG C 57 -3.54 -8.21 18.33
C ARG C 57 -5.01 -8.26 17.94
N ILE C 58 -5.34 -9.06 16.91
CA ILE C 58 -6.71 -9.20 16.42
C ILE C 58 -7.09 -10.64 16.33
N HIS C 59 -8.40 -10.89 16.27
CA HIS C 59 -8.90 -12.23 16.23
C HIS C 59 -9.49 -12.59 14.89
N SER C 60 -8.84 -13.53 14.19
CA SER C 60 -9.30 -13.99 12.89
C SER C 60 -9.40 -15.53 12.91
N TYR C 61 -9.35 -16.15 11.73
CA TYR C 61 -9.55 -17.59 11.60
C TYR C 61 -8.59 -18.16 10.57
N ARG C 62 -8.25 -19.46 10.75
CA ARG C 62 -7.37 -20.15 9.82
C ARG C 62 -7.95 -20.06 8.39
N GLY C 63 -7.11 -19.81 7.41
CA GLY C 63 -7.55 -19.79 6.02
C GLY C 63 -8.31 -18.56 5.59
N HIS C 64 -8.45 -17.57 6.47
CA HIS C 64 -9.08 -16.31 6.08
C HIS C 64 -8.11 -15.47 5.25
N LEU C 65 -8.62 -14.64 4.37
CA LEU C 65 -7.78 -13.87 3.46
C LEU C 65 -7.88 -12.41 3.76
N TRP C 66 -6.73 -11.73 3.87
CA TRP C 66 -6.68 -10.31 4.16
C TRP C 66 -5.78 -9.58 3.19
N LEU C 67 -6.11 -8.33 2.94
CA LEU C 67 -5.23 -7.42 2.22
C LEU C 67 -5.24 -6.08 2.95
N PHE C 68 -4.25 -5.21 2.64
CA PHE C 68 -4.11 -3.97 3.40
C PHE C 68 -3.91 -2.80 2.48
N ARG C 69 -4.59 -1.70 2.81
CA ARG C 69 -4.54 -0.48 1.97
C ARG C 69 -4.33 0.76 2.81
N ASP C 70 -3.96 1.87 2.15
CA ASP C 70 -3.97 3.15 2.83
C ASP C 70 -5.47 3.49 3.06
N ALA C 71 -5.84 3.79 4.31
CA ALA C 71 -7.24 4.03 4.65
C ALA C 71 -7.87 5.24 3.98
N GLY C 72 -7.06 6.25 3.69
CA GLY C 72 -7.57 7.47 3.07
C GLY C 72 -7.58 7.47 1.55
N THR C 73 -6.58 6.82 0.93
CA THR C 73 -6.44 6.86 -0.53
C THR C 73 -6.64 5.53 -1.22
N HIS C 74 -6.66 4.44 -0.46
CA HIS C 74 -6.75 3.07 -0.95
C HIS C 74 -5.51 2.62 -1.73
N ASP C 75 -4.37 3.33 -1.61
CA ASP C 75 -3.12 2.82 -2.19
C ASP C 75 -2.84 1.43 -1.64
N GLY C 76 -2.30 0.57 -2.49
CA GLY C 76 -1.96 -0.79 -2.09
C GLY C 76 -0.76 -0.85 -1.16
N LEU C 77 -0.79 -1.78 -0.21
CA LEU C 77 0.30 -2.01 0.72
C LEU C 77 0.69 -3.49 0.67
N LEU C 78 1.87 -3.84 1.19
CA LEU C 78 2.28 -5.24 1.25
C LEU C 78 2.10 -5.76 2.67
N VAL C 79 1.99 -7.07 2.78
CA VAL C 79 1.92 -7.75 4.06
C VAL C 79 2.85 -8.94 3.97
N ASN C 80 3.88 -8.96 4.84
CA ASN C 80 4.93 -10.00 4.79
C ASN C 80 5.50 -10.10 3.36
N GLN C 81 5.71 -8.91 2.75
CA GLN C 81 6.31 -8.73 1.41
C GLN C 81 5.47 -9.25 0.24
N THR C 82 4.17 -9.53 0.48
CA THR C 82 3.29 -9.98 -0.60
C THR C 82 1.93 -9.27 -0.51
N GLU C 83 1.03 -9.55 -1.45
CA GLU C 83 -0.25 -8.83 -1.51
C GLU C 83 -1.29 -9.33 -0.52
N LEU C 84 -1.32 -10.64 -0.29
CA LEU C 84 -2.36 -11.27 0.54
C LEU C 84 -1.78 -11.92 1.78
N PHE C 85 -2.56 -11.95 2.87
CA PHE C 85 -2.16 -12.58 4.12
C PHE C 85 -3.20 -13.61 4.51
N VAL C 86 -2.74 -14.82 4.85
CA VAL C 86 -3.62 -15.90 5.24
C VAL C 86 -3.17 -16.39 6.60
N PRO C 87 -3.98 -16.20 7.67
CA PRO C 87 -3.59 -16.73 8.97
C PRO C 87 -3.57 -18.26 8.93
N SER C 88 -2.60 -18.83 9.64
CA SER C 88 -2.44 -20.25 9.88
C SER C 88 -2.77 -20.47 11.37
N LEU C 89 -2.77 -21.72 11.83
CA LEU C 89 -3.04 -22.01 13.23
C LEU C 89 -1.83 -21.55 14.08
N ASN C 90 -2.09 -21.08 15.32
CA ASN C 90 -1.03 -20.62 16.22
C ASN C 90 -0.32 -21.85 16.81
N VAL C 91 1.02 -21.84 16.80
CA VAL C 91 1.81 -22.95 17.36
C VAL C 91 2.54 -22.50 18.63
N ASP C 92 2.52 -23.34 19.67
CA ASP C 92 3.16 -23.12 20.98
C ASP C 92 2.89 -21.72 21.59
N GLY C 93 1.63 -21.29 21.52
CA GLY C 93 1.17 -19.99 22.04
C GLY C 93 1.80 -18.78 21.38
N GLN C 94 2.23 -18.91 20.11
CA GLN C 94 2.86 -17.81 19.39
C GLN C 94 1.88 -17.13 18.43
N PRO C 95 1.77 -15.79 18.46
CA PRO C 95 0.88 -15.11 17.49
C PRO C 95 1.50 -15.19 16.09
N ILE C 96 0.70 -14.97 15.06
CA ILE C 96 1.18 -14.91 13.68
C ILE C 96 1.37 -13.41 13.39
N PHE C 97 2.51 -12.99 12.80
CA PHE C 97 2.69 -11.56 12.53
C PHE C 97 2.38 -11.25 11.09
N ALA C 98 1.56 -10.21 10.89
CA ALA C 98 1.23 -9.65 9.58
C ALA C 98 1.95 -8.29 9.55
N ASN C 99 3.17 -8.27 8.98
CA ASN C 99 3.99 -7.06 8.92
C ASN C 99 3.62 -6.26 7.67
N ILE C 100 2.93 -5.13 7.87
CA ILE C 100 2.39 -4.32 6.78
C ILE C 100 3.36 -3.23 6.43
N THR C 101 3.74 -3.13 5.14
CA THR C 101 4.73 -2.14 4.75
C THR C 101 4.34 -1.49 3.44
N LEU C 102 5.06 -0.43 3.10
CA LEU C 102 4.88 0.18 1.80
C LEU C 102 5.52 -0.76 0.78
N PRO C 103 4.93 -0.86 -0.41
CA PRO C 103 5.66 -1.47 -1.53
C PRO C 103 6.66 -0.42 -2.04
N VAL C 104 7.53 -0.81 -2.97
CA VAL C 104 8.34 0.13 -3.73
C VAL C 104 7.41 0.49 -4.90
N TYR C 105 6.68 1.61 -4.78
CA TYR C 105 5.81 2.04 -5.85
C TYR C 105 6.64 2.43 -7.04
N THR C 106 6.05 2.30 -8.24
CA THR C 106 6.76 2.85 -9.42
C THR C 106 6.84 4.38 -9.21
N LEU C 107 7.82 5.05 -9.85
CA LEU C 107 7.86 6.51 -9.71
C LEU C 107 6.55 7.12 -10.23
N LYS C 108 6.02 6.59 -11.34
CA LYS C 108 4.77 7.13 -11.87
C LYS C 108 3.64 6.99 -10.85
N GLU C 109 3.49 5.79 -10.22
CA GLU C 109 2.41 5.67 -9.25
C GLU C 109 2.61 6.57 -8.05
N ARG C 110 3.86 6.72 -7.58
CA ARG C 110 4.12 7.61 -6.46
C ARG C 110 3.81 9.06 -6.81
N CYS C 111 4.16 9.49 -8.03
CA CYS C 111 3.84 10.85 -8.48
C CYS C 111 2.33 11.04 -8.57
N LEU C 112 1.61 10.00 -9.05
CA LEU C 112 0.15 10.12 -9.10
C LEU C 112 -0.42 10.28 -7.71
N GLN C 113 0.12 9.53 -6.74
CA GLN C 113 -0.35 9.66 -5.35
C GLN C 113 -0.17 11.09 -4.85
N VAL C 114 1.02 11.65 -5.08
CA VAL C 114 1.30 13.00 -4.58
C VAL C 114 0.42 14.04 -5.27
N VAL C 115 0.28 13.95 -6.61
CA VAL C 115 -0.60 14.91 -7.28
C VAL C 115 -2.05 14.79 -6.79
N ARG C 116 -2.55 13.55 -6.59
CA ARG C 116 -3.92 13.38 -6.08
C ARG C 116 -4.05 13.99 -4.67
N SER C 117 -2.98 13.95 -3.87
CA SER C 117 -3.02 14.48 -2.52
C SER C 117 -3.04 16.00 -2.50
N LEU C 118 -2.62 16.65 -3.60
CA LEU C 118 -2.50 18.09 -3.68
C LEU C 118 -3.59 18.83 -4.43
N VAL C 119 -4.23 18.12 -5.37
CA VAL C 119 -5.20 18.70 -6.29
C VAL C 119 -6.54 18.01 -6.14
N LYS C 120 -7.61 18.81 -6.03
CA LYS C 120 -8.95 18.24 -5.96
C LYS C 120 -9.30 17.57 -7.29
N PRO C 121 -10.08 16.45 -7.25
CA PRO C 121 -10.35 15.71 -8.50
C PRO C 121 -10.93 16.51 -9.66
N GLU C 122 -11.81 17.49 -9.37
CA GLU C 122 -12.39 18.30 -10.44
C GLU C 122 -11.35 19.20 -11.14
N ASN C 123 -10.14 19.32 -10.55
CA ASN C 123 -9.09 20.16 -11.10
C ASN C 123 -7.98 19.39 -11.80
N TYR C 124 -8.05 18.05 -11.86
CA TYR C 124 -6.98 17.30 -12.52
C TYR C 124 -6.82 17.75 -13.97
N ARG C 125 -7.94 17.96 -14.66
CA ARG C 125 -7.93 18.31 -16.09
C ARG C 125 -7.55 19.77 -16.36
N ARG C 126 -7.22 20.54 -15.31
CA ARG C 126 -6.71 21.91 -15.43
C ARG C 126 -5.18 21.92 -15.37
N LEU C 127 -4.55 20.76 -15.06
CA LEU C 127 -3.10 20.65 -14.93
C LEU C 127 -2.37 20.68 -16.26
N ASP C 128 -1.22 21.35 -16.30
CA ASP C 128 -0.43 21.46 -17.53
C ASP C 128 0.45 20.21 -17.74
N ILE C 129 -0.21 19.11 -18.10
CA ILE C 129 0.43 17.80 -18.31
C ILE C 129 -0.25 17.13 -19.50
N VAL C 130 0.34 16.04 -20.03
CA VAL C 130 -0.26 15.34 -21.16
C VAL C 130 -1.63 14.82 -20.75
N ARG C 131 -2.57 14.90 -21.67
CA ARG C 131 -3.96 14.51 -21.44
C ARG C 131 -4.12 13.08 -20.91
N SER C 132 -3.28 12.12 -21.39
CA SER C 132 -3.37 10.72 -20.94
C SER C 132 -3.20 10.61 -19.41
N LEU C 133 -2.48 11.57 -18.80
CA LEU C 133 -2.29 11.54 -17.34
C LEU C 133 -3.56 11.90 -16.57
N TYR C 134 -4.55 12.57 -17.21
CA TYR C 134 -5.80 12.89 -16.51
C TYR C 134 -6.54 11.60 -16.17
N GLU C 135 -6.62 10.66 -17.12
CA GLU C 135 -7.25 9.36 -16.88
C GLU C 135 -6.47 8.63 -15.78
N ASP C 136 -5.12 8.68 -15.83
CA ASP C 136 -4.33 7.98 -14.80
C ASP C 136 -4.60 8.56 -13.42
N LEU C 137 -4.73 9.90 -13.31
CA LEU C 137 -5.03 10.51 -12.01
C LEU C 137 -6.42 10.08 -11.52
N GLU C 138 -7.40 10.03 -12.44
CA GLU C 138 -8.77 9.65 -12.10
C GLU C 138 -8.95 8.17 -11.82
N ASP C 139 -8.03 7.32 -12.30
CA ASP C 139 -8.13 5.87 -12.11
C ASP C 139 -7.52 5.54 -10.73
N HIS C 140 -8.20 6.00 -9.68
CA HIS C 140 -7.74 5.83 -8.29
C HIS C 140 -7.58 4.35 -7.92
N PRO C 141 -6.62 4.01 -7.04
CA PRO C 141 -6.48 2.61 -6.62
C PRO C 141 -7.76 2.10 -5.99
N ASN C 142 -8.09 0.85 -6.24
CA ASN C 142 -9.29 0.25 -5.66
C ASN C 142 -9.12 -1.25 -5.57
N VAL C 143 -9.61 -1.83 -4.48
CA VAL C 143 -9.47 -3.25 -4.18
C VAL C 143 -10.04 -4.14 -5.30
N GLN C 144 -11.21 -3.78 -5.82
CA GLN C 144 -11.89 -4.49 -6.91
C GLN C 144 -10.98 -4.74 -8.13
N LYS C 145 -10.31 -3.68 -8.63
CA LYS C 145 -9.43 -3.85 -9.79
C LYS C 145 -8.16 -4.65 -9.45
N ASP C 146 -7.69 -4.57 -8.19
CA ASP C 146 -6.53 -5.34 -7.77
C ASP C 146 -6.85 -6.82 -7.65
N LEU C 147 -8.06 -7.15 -7.19
CA LEU C 147 -8.52 -8.54 -7.09
C LEU C 147 -8.60 -9.16 -8.47
N GLU C 148 -9.10 -8.41 -9.46
CA GLU C 148 -9.22 -8.83 -10.87
C GLU C 148 -7.84 -9.15 -11.44
N ARG C 149 -6.86 -8.26 -11.18
CA ARG C 149 -5.46 -8.41 -11.61
C ARG C 149 -4.82 -9.65 -10.96
N LEU C 150 -5.03 -9.84 -9.64
CA LEU C 150 -4.50 -10.98 -8.89
C LEU C 150 -5.15 -12.31 -9.31
N THR C 151 -6.44 -12.28 -9.69
CA THR C 151 -7.19 -13.45 -10.16
C THR C 151 -6.70 -13.86 -11.56
N SER D 7 -54.00 -23.66 25.48
CA SER D 7 -52.72 -23.04 25.16
C SER D 7 -51.95 -23.74 24.01
N PRO D 8 -51.71 -25.09 23.98
CA PRO D 8 -50.93 -25.65 22.86
C PRO D 8 -51.60 -25.54 21.48
N ASN D 9 -50.79 -25.29 20.45
CA ASN D 9 -51.22 -25.19 19.07
C ASN D 9 -51.61 -26.57 18.52
N PRO D 10 -52.45 -26.68 17.45
CA PRO D 10 -52.72 -28.00 16.88
C PRO D 10 -51.39 -28.61 16.40
N PRO D 11 -51.14 -29.91 16.65
CA PRO D 11 -49.85 -30.51 16.25
C PRO D 11 -49.43 -30.26 14.80
N LYS D 12 -50.40 -30.25 13.85
CA LYS D 12 -50.12 -29.98 12.43
C LYS D 12 -49.46 -28.61 12.23
N LEU D 13 -49.96 -27.57 12.92
CA LEU D 13 -49.43 -26.20 12.86
C LEU D 13 -47.97 -26.15 13.36
N THR D 14 -47.69 -26.79 14.51
CA THR D 14 -46.33 -26.87 15.10
C THR D 14 -45.37 -27.56 14.13
N LYS D 15 -45.81 -28.69 13.53
CA LYS D 15 -45.02 -29.46 12.55
C LYS D 15 -44.71 -28.59 11.33
N GLN D 16 -45.70 -27.82 10.83
CA GLN D 16 -45.52 -26.91 9.68
C GLN D 16 -44.50 -25.82 10.01
N MET D 17 -44.60 -25.20 11.21
CA MET D 17 -43.67 -24.14 11.66
C MET D 17 -42.24 -24.68 11.73
N ASN D 18 -42.06 -25.87 12.33
CA ASN D 18 -40.76 -26.52 12.47
C ASN D 18 -40.15 -26.96 11.13
N ALA D 19 -40.98 -27.43 10.17
CA ALA D 19 -40.52 -27.85 8.84
C ALA D 19 -39.97 -26.66 8.08
N ILE D 20 -40.66 -25.51 8.14
CA ILE D 20 -40.25 -24.27 7.46
C ILE D 20 -38.90 -23.79 8.05
N ILE D 21 -38.81 -23.68 9.40
CA ILE D 21 -37.58 -23.22 10.06
C ILE D 21 -36.41 -24.18 9.81
N ASP D 22 -36.66 -25.51 9.83
CA ASP D 22 -35.62 -26.49 9.53
C ASP D 22 -35.05 -26.34 8.12
N THR D 23 -35.92 -26.02 7.12
CA THR D 23 -35.48 -25.80 5.72
C THR D 23 -34.51 -24.60 5.68
N VAL D 24 -34.84 -23.54 6.43
CA VAL D 24 -34.01 -22.34 6.50
C VAL D 24 -32.65 -22.66 7.16
N ILE D 25 -32.70 -23.31 8.32
CA ILE D 25 -31.50 -23.66 9.08
C ILE D 25 -30.58 -24.63 8.31
N ASN D 26 -31.18 -25.62 7.63
CA ASN D 26 -30.42 -26.63 6.90
C ASN D 26 -29.94 -26.21 5.53
N TYR D 27 -30.36 -25.03 5.04
CA TYR D 27 -29.93 -24.59 3.71
C TYR D 27 -28.40 -24.51 3.62
N LYS D 28 -27.84 -25.03 2.52
CA LYS D 28 -26.41 -24.97 2.22
C LYS D 28 -26.27 -24.38 0.82
N ASP D 29 -25.36 -23.41 0.66
CA ASP D 29 -25.14 -22.84 -0.65
C ASP D 29 -24.23 -23.75 -1.50
N SER D 30 -23.85 -23.30 -2.72
CA SER D 30 -23.05 -24.14 -3.62
C SER D 30 -21.65 -24.44 -3.11
N SER D 31 -21.19 -23.70 -2.08
CA SER D 31 -19.88 -23.98 -1.48
C SER D 31 -20.00 -24.94 -0.29
N GLY D 32 -21.22 -25.38 -0.02
CA GLY D 32 -21.54 -26.26 1.10
C GLY D 32 -21.76 -25.53 2.41
N ARG D 33 -21.76 -24.19 2.41
CA ARG D 33 -21.85 -23.41 3.65
C ARG D 33 -23.28 -23.26 4.20
N GLN D 34 -23.44 -23.50 5.51
CA GLN D 34 -24.68 -23.34 6.24
C GLN D 34 -24.84 -21.87 6.53
N LEU D 35 -25.60 -21.15 5.68
CA LEU D 35 -25.76 -19.70 5.84
C LEU D 35 -26.39 -19.29 7.17
N SER D 36 -27.26 -20.13 7.73
CA SER D 36 -27.94 -19.83 8.98
C SER D 36 -27.04 -19.84 10.22
N GLU D 37 -25.84 -20.45 10.14
CA GLU D 37 -25.08 -20.73 11.34
C GLU D 37 -24.86 -19.55 12.29
N VAL D 38 -24.36 -18.41 11.79
CA VAL D 38 -24.11 -17.24 12.63
C VAL D 38 -25.41 -16.69 13.24
N PHE D 39 -26.56 -16.92 12.58
CA PHE D 39 -27.87 -16.41 13.02
C PHE D 39 -28.54 -17.23 14.11
N ILE D 40 -27.99 -18.43 14.43
CA ILE D 40 -28.60 -19.28 15.46
C ILE D 40 -28.60 -18.58 16.83
N GLN D 41 -27.51 -17.86 17.13
CA GLN D 41 -27.36 -17.18 18.41
C GLN D 41 -26.91 -15.75 18.22
N LEU D 42 -27.55 -14.84 18.96
CA LEU D 42 -27.22 -13.43 18.96
C LEU D 42 -25.75 -13.23 19.43
N PRO D 43 -25.10 -12.11 19.03
CA PRO D 43 -23.78 -11.84 19.58
C PRO D 43 -23.97 -11.51 21.07
N SER D 44 -23.01 -11.82 21.93
CA SER D 44 -23.21 -11.53 23.34
C SER D 44 -23.17 -10.02 23.62
N ARG D 45 -23.81 -9.59 24.71
CA ARG D 45 -23.83 -8.18 25.14
C ARG D 45 -22.42 -7.71 25.50
N LYS D 46 -21.58 -8.62 25.99
CA LYS D 46 -20.20 -8.29 26.36
C LYS D 46 -19.31 -8.16 25.13
N GLU D 47 -19.59 -8.93 24.05
CA GLU D 47 -18.74 -8.83 22.86
C GLU D 47 -19.19 -7.75 21.89
N LEU D 48 -20.51 -7.44 21.87
CA LEU D 48 -21.04 -6.46 20.93
C LEU D 48 -22.23 -5.67 21.52
N PRO D 49 -21.98 -4.79 22.51
CA PRO D 49 -23.09 -3.98 23.07
C PRO D 49 -23.71 -3.04 22.05
N GLU D 50 -22.94 -2.66 21.00
CA GLU D 50 -23.38 -1.80 19.89
C GLU D 50 -24.61 -2.43 19.21
N TYR D 51 -24.67 -3.78 19.15
CA TYR D 51 -25.80 -4.47 18.53
C TYR D 51 -27.10 -4.16 19.28
N TYR D 52 -27.05 -4.22 20.61
CA TYR D 52 -28.21 -4.00 21.48
C TYR D 52 -28.60 -2.53 21.57
N GLU D 53 -27.64 -1.63 21.31
CA GLU D 53 -27.88 -0.19 21.32
C GLU D 53 -28.65 0.23 20.05
N LEU D 54 -28.41 -0.46 18.91
CA LEU D 54 -29.07 -0.15 17.64
C LEU D 54 -30.33 -0.97 17.39
N ILE D 55 -30.26 -2.29 17.64
CA ILE D 55 -31.37 -3.19 17.38
C ILE D 55 -32.35 -3.25 18.56
N ARG D 56 -33.55 -2.70 18.36
CA ARG D 56 -34.60 -2.62 19.39
C ARG D 56 -35.15 -3.97 19.79
N LYS D 57 -35.34 -4.88 18.82
CA LYS D 57 -35.93 -6.18 19.09
C LYS D 57 -35.02 -7.31 18.60
N PRO D 58 -33.93 -7.61 19.35
CA PRO D 58 -33.03 -8.69 18.91
C PRO D 58 -33.72 -10.04 18.91
N VAL D 59 -33.36 -10.88 17.93
CA VAL D 59 -33.91 -12.22 17.76
C VAL D 59 -32.90 -13.09 17.00
N ASP D 60 -32.87 -14.37 17.33
CA ASP D 60 -32.02 -15.34 16.65
C ASP D 60 -32.86 -16.59 16.40
N PHE D 61 -32.32 -17.56 15.64
CA PHE D 61 -33.11 -18.77 15.36
C PHE D 61 -33.36 -19.62 16.59
N LYS D 62 -32.47 -19.56 17.62
CA LYS D 62 -32.70 -20.29 18.89
C LYS D 62 -34.00 -19.78 19.55
N LYS D 63 -34.21 -18.45 19.55
CA LYS D 63 -35.43 -17.84 20.11
C LYS D 63 -36.67 -18.20 19.29
N ILE D 64 -36.55 -18.19 17.95
CA ILE D 64 -37.64 -18.55 17.04
C ILE D 64 -38.09 -20.00 17.29
N LYS D 65 -37.11 -20.92 17.43
CA LYS D 65 -37.42 -22.33 17.71
C LYS D 65 -38.12 -22.48 19.06
N GLU D 66 -37.69 -21.69 20.06
CA GLU D 66 -38.29 -21.70 21.41
C GLU D 66 -39.74 -21.23 21.34
N ARG D 67 -39.98 -20.15 20.56
CA ARG D 67 -41.32 -19.57 20.38
C ARG D 67 -42.27 -20.52 19.64
N ILE D 68 -41.73 -21.41 18.76
CA ILE D 68 -42.54 -22.43 18.08
C ILE D 68 -42.93 -23.47 19.14
N ARG D 69 -41.91 -24.02 19.83
CA ARG D 69 -42.02 -25.04 20.87
C ARG D 69 -42.99 -24.67 22.02
N ASN D 70 -42.95 -23.40 22.47
CA ASN D 70 -43.79 -22.90 23.56
C ASN D 70 -45.11 -22.26 23.09
N HIS D 71 -45.44 -22.45 21.80
CA HIS D 71 -46.70 -21.99 21.17
C HIS D 71 -46.91 -20.46 21.25
N LYS D 72 -45.82 -19.67 21.17
CA LYS D 72 -45.92 -18.21 21.19
C LYS D 72 -46.54 -17.72 19.88
N TYR D 73 -46.11 -18.31 18.72
CA TYR D 73 -46.71 -18.01 17.42
C TYR D 73 -48.02 -18.75 17.34
N ARG D 74 -49.09 -18.08 16.88
CA ARG D 74 -50.41 -18.71 16.77
C ARG D 74 -50.81 -19.01 15.32
N SER D 75 -49.96 -18.59 14.37
CA SER D 75 -50.19 -18.77 12.94
C SER D 75 -48.84 -18.73 12.21
N LEU D 76 -48.83 -19.09 10.92
CA LEU D 76 -47.62 -19.01 10.10
C LEU D 76 -47.23 -17.54 9.85
N GLY D 77 -48.23 -16.64 9.90
CA GLY D 77 -48.01 -15.20 9.77
C GLY D 77 -47.20 -14.66 10.93
N ASP D 78 -47.46 -15.19 12.16
CA ASP D 78 -46.72 -14.81 13.37
C ASP D 78 -45.26 -15.27 13.28
N LEU D 79 -45.03 -16.49 12.75
CA LEU D 79 -43.69 -17.04 12.57
C LEU D 79 -42.94 -16.21 11.52
N GLU D 80 -43.60 -15.89 10.38
CA GLU D 80 -42.98 -15.08 9.33
C GLU D 80 -42.56 -13.70 9.84
N LYS D 81 -43.37 -13.08 10.71
CA LYS D 81 -43.03 -11.76 11.27
C LYS D 81 -41.70 -11.79 12.01
N ASP D 82 -41.42 -12.86 12.79
CA ASP D 82 -40.15 -12.93 13.51
C ASP D 82 -38.97 -13.23 12.59
N VAL D 83 -39.18 -14.08 11.55
CA VAL D 83 -38.08 -14.39 10.62
C VAL D 83 -37.74 -13.15 9.81
N MET D 84 -38.77 -12.37 9.43
CA MET D 84 -38.55 -11.11 8.71
C MET D 84 -37.88 -10.08 9.62
N LEU D 85 -38.16 -10.14 10.95
CA LEU D 85 -37.53 -9.25 11.93
C LEU D 85 -36.05 -9.60 12.04
N LEU D 86 -35.72 -10.90 12.10
CA LEU D 86 -34.33 -11.37 12.16
C LEU D 86 -33.55 -10.84 10.94
N CYS D 87 -34.10 -11.02 9.74
CA CYS D 87 -33.46 -10.57 8.52
C CYS D 87 -33.37 -9.04 8.42
N HIS D 88 -34.41 -8.33 8.89
CA HIS D 88 -34.42 -6.87 8.93
C HIS D 88 -33.32 -6.38 9.88
N ASN D 89 -33.18 -7.03 11.05
CA ASN D 89 -32.13 -6.67 12.01
C ASN D 89 -30.75 -6.88 11.42
N ALA D 90 -30.54 -8.01 10.72
CA ALA D 90 -29.25 -8.30 10.09
C ALA D 90 -28.92 -7.24 9.05
N GLN D 91 -29.94 -6.76 8.33
CA GLN D 91 -29.79 -5.76 7.28
C GLN D 91 -29.74 -4.31 7.81
N THR D 92 -29.98 -4.12 9.12
CA THR D 92 -29.95 -2.82 9.80
C THR D 92 -28.59 -2.62 10.45
N PHE D 93 -28.13 -3.64 11.21
CA PHE D 93 -26.84 -3.52 11.89
C PHE D 93 -25.67 -3.65 10.92
N ASN D 94 -25.78 -4.59 9.97
CA ASN D 94 -24.71 -4.88 9.02
C ASN D 94 -24.95 -4.15 7.71
N LEU D 95 -23.87 -3.78 7.02
CA LEU D 95 -23.94 -3.01 5.79
C LEU D 95 -24.26 -3.86 4.57
N GLU D 96 -24.91 -3.25 3.56
CA GLU D 96 -25.21 -3.91 2.29
C GLU D 96 -23.87 -4.41 1.72
N GLY D 97 -23.87 -5.65 1.22
CA GLY D 97 -22.68 -6.25 0.66
C GLY D 97 -21.84 -7.02 1.65
N SER D 98 -22.07 -6.83 2.96
CA SER D 98 -21.32 -7.60 3.96
C SER D 98 -21.83 -9.05 3.90
N GLN D 99 -20.98 -9.99 4.32
CA GLN D 99 -21.33 -11.39 4.27
C GLN D 99 -22.66 -11.69 4.98
N ILE D 100 -22.85 -11.17 6.19
CA ILE D 100 -24.06 -11.45 6.98
C ILE D 100 -25.31 -10.81 6.35
N TYR D 101 -25.21 -9.58 5.84
CA TYR D 101 -26.33 -8.92 5.15
C TYR D 101 -26.76 -9.78 3.95
N GLU D 102 -25.78 -10.20 3.11
CA GLU D 102 -26.06 -10.98 1.92
C GLU D 102 -26.62 -12.36 2.25
N ASP D 103 -26.09 -13.01 3.31
CA ASP D 103 -26.62 -14.32 3.75
C ASP D 103 -28.08 -14.18 4.22
N SER D 104 -28.42 -13.08 4.91
CA SER D 104 -29.80 -12.88 5.39
C SER D 104 -30.79 -12.72 4.22
N ILE D 105 -30.35 -12.12 3.10
CA ILE D 105 -31.19 -11.95 1.89
C ILE D 105 -31.54 -13.35 1.37
N VAL D 106 -30.53 -14.24 1.29
CA VAL D 106 -30.75 -15.61 0.80
C VAL D 106 -31.72 -16.34 1.71
N LEU D 107 -31.52 -16.23 3.03
CA LEU D 107 -32.40 -16.91 4.01
C LEU D 107 -33.85 -16.45 3.99
N GLN D 108 -34.06 -15.16 3.71
CA GLN D 108 -35.42 -14.59 3.58
C GLN D 108 -36.11 -15.31 2.42
N SER D 109 -35.37 -15.48 1.30
CA SER D 109 -35.87 -16.13 0.08
C SER D 109 -36.17 -17.61 0.34
N VAL D 110 -35.32 -18.29 1.12
CA VAL D 110 -35.52 -19.71 1.49
C VAL D 110 -36.78 -19.85 2.34
N PHE D 111 -36.96 -18.93 3.32
CA PHE D 111 -38.15 -18.96 4.17
C PHE D 111 -39.43 -18.82 3.33
N LYS D 112 -39.47 -17.78 2.45
CA LYS D 112 -40.63 -17.50 1.60
C LYS D 112 -41.01 -18.70 0.74
N SER D 113 -40.02 -19.32 0.07
CA SER D 113 -40.24 -20.49 -0.79
C SER D 113 -40.77 -21.69 0.02
N ALA D 114 -40.21 -21.93 1.22
CA ALA D 114 -40.61 -23.03 2.12
C ALA D 114 -42.03 -22.82 2.63
N ARG D 115 -42.40 -21.57 3.00
CA ARG D 115 -43.77 -21.29 3.47
C ARG D 115 -44.77 -21.51 2.33
N GLN D 116 -44.42 -21.05 1.11
CA GLN D 116 -45.28 -21.17 -0.07
C GLN D 116 -45.58 -22.63 -0.45
N LYS D 117 -44.64 -23.54 -0.16
CA LYS D 117 -44.74 -24.97 -0.49
C LYS D 117 -45.53 -25.80 0.54
N ILE D 118 -46.07 -25.16 1.59
CA ILE D 118 -46.90 -25.84 2.59
C ILE D 118 -48.28 -26.16 1.98
N ALA D 119 -48.68 -27.45 2.00
CA ALA D 119 -49.97 -27.91 1.46
C ALA D 119 -51.03 -27.97 2.56
#